data_2MIP
#
_entry.id   2MIP
#
_cell.length_a   55.100
_cell.length_b   55.100
_cell.length_c   138.900
_cell.angle_alpha   90.00
_cell.angle_beta   90.00
_cell.angle_gamma   90.00
#
_symmetry.space_group_name_H-M   'P 43'
#
loop_
_entity.id
_entity.type
_entity.pdbx_description
1 polymer 'HIV-2 PROTEASE'
2 polymer 'INHIBITOR BI-LA-398'
3 water water
#
loop_
_entity_poly.entity_id
_entity_poly.type
_entity_poly.pdbx_seq_one_letter_code
_entity_poly.pdbx_strand_id
1 'polypeptide(L)'
;PQFSLWKRPVVTAYIEGQPVEVLLDTGADDSIVAGIELGNNYSPKIVGGIGGFINTKEYKNVEIEVLNKKVRATIMTGDT
PINIFGRNILTALGMSLNL
;
A,B,C,D
2 'polypeptide(L)' FVFLEI(NH2) E,F,G,H
#
# COMPACT_ATOMS: atom_id res chain seq x y z
N PRO A 1 5.57 -3.51 2.95
CA PRO A 1 6.99 -3.54 2.74
C PRO A 1 7.61 -4.95 2.72
N GLN A 2 8.87 -4.97 2.22
CA GLN A 2 9.66 -6.18 2.14
C GLN A 2 11.09 -5.89 2.52
N PHE A 3 11.60 -6.71 3.43
CA PHE A 3 12.94 -6.53 3.85
C PHE A 3 13.62 -7.79 3.44
N SER A 4 14.56 -7.57 2.55
CA SER A 4 15.41 -8.58 1.98
C SER A 4 16.55 -8.41 2.89
N LEU A 5 17.32 -9.40 3.16
CA LEU A 5 18.13 -9.04 4.30
C LEU A 5 19.52 -8.48 4.03
N TRP A 6 19.75 -8.05 2.78
CA TRP A 6 21.04 -7.62 2.31
C TRP A 6 21.57 -6.52 3.10
N LYS A 7 20.74 -5.55 3.41
CA LYS A 7 21.17 -4.51 4.35
C LYS A 7 20.52 -4.85 5.69
N ARG A 8 20.98 -4.26 6.76
CA ARG A 8 20.27 -4.50 8.01
C ARG A 8 18.88 -3.93 7.89
N PRO A 9 17.83 -4.63 8.41
CA PRO A 9 16.44 -4.14 8.49
C PRO A 9 16.28 -2.90 9.44
N VAL A 10 16.59 -1.70 8.94
CA VAL A 10 16.55 -0.52 9.78
C VAL A 10 15.51 0.46 9.31
N VAL A 11 14.71 0.93 10.25
CA VAL A 11 13.61 1.81 9.91
C VAL A 11 13.56 2.88 10.97
N THR A 12 12.83 3.98 10.69
CA THR A 12 12.70 5.00 11.67
C THR A 12 11.38 4.83 12.35
N ALA A 13 11.43 4.82 13.68
CA ALA A 13 10.22 4.78 14.46
C ALA A 13 10.09 6.04 15.29
N TYR A 14 8.86 6.30 15.66
CA TYR A 14 8.48 7.41 16.52
C TYR A 14 7.94 6.83 17.83
N ILE A 15 8.67 7.06 18.91
CA ILE A 15 8.26 6.54 20.20
C ILE A 15 7.74 7.72 21.01
N GLU A 16 6.45 7.74 21.27
CA GLU A 16 5.90 8.88 21.94
C GLU A 16 6.39 10.15 21.28
N GLY A 17 6.27 10.27 19.96
CA GLY A 17 6.60 11.53 19.27
C GLY A 17 8.03 11.76 18.84
N GLN A 18 8.96 11.06 19.46
CA GLN A 18 10.37 11.16 19.12
C GLN A 18 10.92 10.07 18.14
N PRO A 19 11.61 10.53 17.11
CA PRO A 19 12.14 9.62 16.14
C PRO A 19 13.39 8.86 16.62
N VAL A 20 13.46 7.62 16.16
CA VAL A 20 14.61 6.82 16.48
C VAL A 20 14.80 5.84 15.34
N GLU A 21 16.01 5.35 15.14
CA GLU A 21 16.20 4.34 14.13
C GLU A 21 16.21 3.05 14.87
N VAL A 22 15.52 2.07 14.37
CA VAL A 22 15.50 0.77 15.00
C VAL A 22 15.78 -0.35 14.02
N LEU A 23 16.44 -1.35 14.53
CA LEU A 23 16.70 -2.56 13.80
C LEU A 23 15.57 -3.55 14.07
N LEU A 24 14.81 -4.02 13.04
CA LEU A 24 13.76 -5.01 13.29
C LEU A 24 14.44 -6.36 13.52
N ASP A 25 14.24 -6.97 14.68
CA ASP A 25 15.01 -8.13 15.05
C ASP A 25 14.14 -9.30 15.43
N THR A 26 14.10 -10.38 14.57
CA THR A 26 13.35 -11.60 14.83
C THR A 26 13.87 -12.48 16.00
N GLY A 27 15.08 -12.20 16.48
CA GLY A 27 15.64 -12.97 17.57
C GLY A 27 15.59 -12.22 18.87
N ALA A 28 14.73 -11.21 18.92
CA ALA A 28 14.55 -10.44 20.15
C ALA A 28 13.13 -10.73 20.68
N ASP A 29 13.04 -11.01 21.99
CA ASP A 29 11.83 -11.22 22.72
C ASP A 29 11.18 -9.90 23.02
N ASP A 30 11.99 -8.94 23.49
CA ASP A 30 11.67 -7.58 23.89
C ASP A 30 12.13 -6.54 22.91
N SER A 31 11.71 -5.31 23.04
CA SER A 31 12.24 -4.25 22.21
C SER A 31 13.01 -3.32 23.13
N ILE A 32 14.16 -2.88 22.71
CA ILE A 32 14.91 -2.05 23.64
C ILE A 32 15.65 -0.88 22.96
N VAL A 33 15.30 0.34 23.38
CA VAL A 33 15.91 1.53 22.81
C VAL A 33 16.76 2.27 23.85
N ALA A 34 17.79 2.88 23.36
CA ALA A 34 18.62 3.70 24.21
C ALA A 34 18.44 5.18 23.78
N GLY A 35 18.81 6.09 24.67
CA GLY A 35 18.82 7.49 24.34
C GLY A 35 17.50 8.25 24.24
N ILE A 36 16.42 7.70 24.75
CA ILE A 36 15.22 8.50 24.83
C ILE A 36 14.80 8.51 26.30
N GLU A 37 14.04 9.51 26.72
CA GLU A 37 13.63 9.59 28.11
C GLU A 37 12.15 9.35 28.19
N LEU A 38 11.76 8.24 28.76
CA LEU A 38 10.36 7.90 28.71
C LEU A 38 9.69 8.18 30.03
N GLY A 39 10.38 8.81 30.99
CA GLY A 39 9.66 9.12 32.21
C GLY A 39 10.00 8.24 33.38
N ASN A 40 9.09 8.18 34.35
CA ASN A 40 9.35 7.41 35.54
C ASN A 40 8.31 6.38 35.89
N ASN A 41 7.40 6.06 35.00
CA ASN A 41 6.52 4.93 35.29
C ASN A 41 7.02 3.74 34.51
N TYR A 42 8.01 3.14 35.09
CA TYR A 42 8.59 1.96 34.53
C TYR A 42 8.73 0.99 35.67
N SER A 43 8.96 -0.25 35.31
CA SER A 43 9.28 -1.29 36.22
C SER A 43 10.69 -1.76 35.85
N PRO A 44 11.56 -2.00 36.81
CA PRO A 44 12.88 -2.49 36.53
C PRO A 44 12.76 -3.90 36.01
N LYS A 45 13.65 -4.26 35.11
CA LYS A 45 13.72 -5.58 34.45
C LYS A 45 15.16 -5.84 34.13
N ILE A 46 15.53 -7.10 34.05
CA ILE A 46 16.86 -7.60 33.72
C ILE A 46 16.72 -8.37 32.42
N VAL A 47 17.44 -7.97 31.41
CA VAL A 47 17.35 -8.56 30.08
C VAL A 47 18.71 -9.18 29.74
N GLY A 48 18.67 -10.40 29.14
CA GLY A 48 19.89 -11.07 28.73
C GLY A 48 20.07 -11.12 27.23
N GLY A 49 21.30 -11.15 26.77
CA GLY A 49 21.57 -11.27 25.33
C GLY A 49 22.83 -12.12 25.10
N ILE A 50 23.38 -12.02 23.91
CA ILE A 50 24.58 -12.77 23.51
C ILE A 50 25.78 -12.49 24.39
N GLY A 51 25.99 -11.24 24.79
CA GLY A 51 27.13 -10.92 25.64
C GLY A 51 26.83 -11.08 27.15
N GLY A 52 25.58 -11.02 27.58
CA GLY A 52 25.30 -11.10 29.00
C GLY A 52 23.97 -10.47 29.37
N PHE A 53 23.95 -9.84 30.57
CA PHE A 53 22.71 -9.28 31.07
C PHE A 53 22.82 -7.82 31.35
N ILE A 54 21.68 -7.12 31.24
CA ILE A 54 21.60 -5.69 31.47
C ILE A 54 20.31 -5.36 32.21
N ASN A 55 20.39 -4.32 33.01
CA ASN A 55 19.29 -3.78 33.73
C ASN A 55 18.62 -2.97 32.69
N THR A 56 17.31 -2.96 32.68
CA THR A 56 16.63 -2.15 31.79
C THR A 56 15.49 -1.54 32.54
N LYS A 57 14.84 -0.54 31.89
CA LYS A 57 13.69 0.09 32.40
C LYS A 57 12.53 -0.22 31.47
N GLU A 58 11.51 -0.92 31.99
CA GLU A 58 10.37 -1.28 31.20
C GLU A 58 9.14 -0.41 31.32
N TYR A 59 8.63 0.10 30.19
CA TYR A 59 7.41 0.90 30.06
C TYR A 59 6.39 0.14 29.26
N LYS A 60 5.16 0.06 29.77
CA LYS A 60 4.04 -0.61 29.13
C LYS A 60 3.10 0.42 28.47
N ASN A 61 2.44 0.02 27.38
CA ASN A 61 1.53 0.94 26.64
C ASN A 61 2.16 2.08 25.86
N VAL A 62 3.45 2.05 25.58
CA VAL A 62 4.06 3.14 24.83
C VAL A 62 3.43 3.37 23.42
N GLU A 63 3.20 4.64 23.03
CA GLU A 63 2.62 4.87 21.70
C GLU A 63 3.73 4.86 20.69
N ILE A 64 3.66 3.87 19.77
CA ILE A 64 4.63 3.67 18.68
C ILE A 64 3.99 3.87 17.32
N GLU A 65 4.74 4.71 16.53
CA GLU A 65 4.52 4.93 15.13
C GLU A 65 5.71 4.48 14.32
N VAL A 66 5.47 3.50 13.45
CA VAL A 66 6.46 2.86 12.57
C VAL A 66 5.76 2.12 11.43
N LEU A 67 6.38 2.12 10.25
CA LEU A 67 5.84 1.45 9.07
C LEU A 67 4.39 1.87 8.81
N ASN A 68 4.13 3.14 9.09
CA ASN A 68 2.85 3.79 8.93
C ASN A 68 1.88 3.36 9.99
N LYS A 69 2.21 2.30 10.72
CA LYS A 69 1.28 1.79 11.69
C LYS A 69 1.51 2.53 12.99
N LYS A 70 0.53 2.38 13.89
CA LYS A 70 0.58 3.08 15.17
C LYS A 70 0.13 2.17 16.26
N VAL A 71 1.14 1.58 16.92
CA VAL A 71 0.97 0.63 17.99
C VAL A 71 1.25 1.27 19.33
N ARG A 72 0.72 0.58 20.33
CA ARG A 72 0.98 0.82 21.74
C ARG A 72 1.68 -0.43 22.14
N ALA A 73 2.96 -0.36 22.53
CA ALA A 73 3.68 -1.57 22.94
C ALA A 73 4.64 -1.34 24.09
N THR A 74 5.16 -2.40 24.65
CA THR A 74 6.14 -2.34 25.73
C THR A 74 7.51 -2.10 25.17
N ILE A 75 8.18 -1.05 25.70
CA ILE A 75 9.45 -0.61 25.21
C ILE A 75 10.39 -0.63 26.35
N MET A 76 11.62 -1.11 26.20
CA MET A 76 12.51 -1.06 27.30
C MET A 76 13.56 -0.07 26.93
N THR A 77 14.07 0.52 27.94
CA THR A 77 15.10 1.45 27.75
C THR A 77 16.31 0.87 28.50
N GLY A 78 17.47 0.89 27.88
CA GLY A 78 18.66 0.36 28.50
C GLY A 78 19.81 0.63 27.55
N ASP A 79 20.93 0.01 27.88
CA ASP A 79 22.14 0.16 27.11
C ASP A 79 22.23 -0.78 25.97
N THR A 80 22.04 -0.26 24.82
CA THR A 80 22.09 -1.07 23.63
C THR A 80 22.86 -0.31 22.53
N PRO A 81 23.76 -1.04 21.87
CA PRO A 81 24.57 -0.51 20.78
C PRO A 81 23.76 -0.23 19.53
N ILE A 82 22.52 -0.73 19.51
CA ILE A 82 21.58 -0.62 18.43
C ILE A 82 20.22 -0.67 19.10
N ASN A 83 19.30 0.09 18.58
CA ASN A 83 17.95 0.05 19.10
C ASN A 83 17.24 -1.10 18.43
N ILE A 84 16.43 -1.86 19.15
CA ILE A 84 15.78 -2.97 18.51
C ILE A 84 14.28 -3.01 18.78
N PHE A 85 13.57 -3.48 17.76
CA PHE A 85 12.14 -3.74 17.83
C PHE A 85 12.13 -5.22 17.62
N GLY A 86 11.81 -5.99 18.70
CA GLY A 86 11.77 -7.40 18.79
C GLY A 86 10.39 -7.87 18.44
N ARG A 87 10.19 -9.15 18.46
CA ARG A 87 8.93 -9.71 18.08
C ARG A 87 7.71 -9.06 18.73
N ASN A 88 7.81 -8.55 19.94
CA ASN A 88 6.63 -7.96 20.58
C ASN A 88 5.94 -6.89 19.74
N ILE A 89 6.75 -6.11 19.01
CA ILE A 89 6.27 -5.08 18.11
C ILE A 89 6.07 -5.59 16.69
N LEU A 90 6.97 -6.48 16.27
CA LEU A 90 6.91 -7.06 14.93
C LEU A 90 5.60 -7.78 14.68
N THR A 91 5.23 -8.46 15.70
CA THR A 91 4.02 -9.20 15.77
C THR A 91 2.83 -8.24 15.67
N ALA A 92 2.83 -7.18 16.47
CA ALA A 92 1.77 -6.17 16.44
C ALA A 92 1.51 -5.52 15.04
N LEU A 93 2.60 -5.29 14.26
CA LEU A 93 2.62 -4.76 12.88
C LEU A 93 2.08 -5.74 11.83
N GLY A 94 2.10 -7.01 12.10
CA GLY A 94 1.66 -8.02 11.15
C GLY A 94 2.81 -8.57 10.29
N MET A 95 4.04 -8.49 10.80
CA MET A 95 5.19 -8.99 10.07
C MET A 95 5.40 -10.47 10.08
N SER A 96 6.10 -10.86 9.04
CA SER A 96 6.38 -12.27 8.80
C SER A 96 7.79 -12.44 8.31
N LEU A 97 8.37 -13.59 8.68
CA LEU A 97 9.67 -14.04 8.15
C LEU A 97 9.25 -14.97 7.02
N ASN A 98 9.70 -14.69 5.78
CA ASN A 98 9.25 -15.46 4.62
C ASN A 98 10.35 -16.14 3.82
N LEU A 99 10.00 -17.30 3.30
CA LEU A 99 10.86 -18.14 2.48
C LEU A 99 9.98 -18.83 1.47
N PRO B 1 7.87 -21.40 3.24
CA PRO B 1 7.37 -21.33 4.61
C PRO B 1 7.28 -19.90 5.15
N GLN B 2 6.33 -19.72 6.13
CA GLN B 2 6.01 -18.46 6.85
C GLN B 2 6.25 -18.64 8.32
N PHE B 3 6.91 -17.68 8.91
CA PHE B 3 7.18 -17.76 10.31
C PHE B 3 6.52 -16.55 10.86
N SER B 4 5.43 -16.77 11.59
CA SER B 4 4.69 -15.67 12.18
C SER B 4 5.36 -15.58 13.50
N LEU B 5 5.92 -14.44 13.81
CA LEU B 5 6.69 -14.28 15.02
C LEU B 5 5.96 -14.40 16.38
N TRP B 6 4.92 -15.19 16.46
CA TRP B 6 4.27 -15.37 17.72
C TRP B 6 5.05 -16.34 18.63
N LYS B 7 5.99 -17.09 18.03
CA LYS B 7 6.85 -18.08 18.69
C LYS B 7 8.32 -17.80 18.28
N ARG B 8 9.32 -18.07 19.11
CA ARG B 8 10.65 -17.80 18.56
C ARG B 8 10.84 -18.63 17.28
N PRO B 9 11.30 -18.05 16.19
CA PRO B 9 11.48 -18.81 14.96
C PRO B 9 12.76 -19.68 15.01
N VAL B 10 12.63 -20.87 15.58
CA VAL B 10 13.74 -21.77 15.69
C VAL B 10 13.55 -22.86 14.71
N VAL B 11 14.69 -23.21 14.14
CA VAL B 11 14.73 -24.18 13.10
C VAL B 11 15.93 -25.06 13.23
N THR B 12 15.85 -26.22 12.64
CA THR B 12 16.90 -27.21 12.61
C THR B 12 17.66 -27.15 11.30
N ALA B 13 18.95 -27.02 11.44
CA ALA B 13 19.90 -26.92 10.39
C ALA B 13 20.89 -28.02 10.58
N TYR B 14 21.56 -28.46 9.53
CA TYR B 14 22.62 -29.47 9.73
C TYR B 14 23.89 -28.87 9.29
N ILE B 15 24.80 -28.69 10.21
CA ILE B 15 26.09 -28.12 9.88
C ILE B 15 27.10 -29.23 9.55
N GLU B 16 27.30 -29.43 8.24
CA GLU B 16 28.16 -30.50 7.85
C GLU B 16 27.65 -31.81 8.42
N GLY B 17 26.37 -32.06 8.27
CA GLY B 17 25.85 -33.30 8.77
C GLY B 17 25.34 -33.29 10.20
N GLN B 18 25.81 -32.42 11.08
CA GLN B 18 25.34 -32.50 12.46
C GLN B 18 24.14 -31.63 12.63
N PRO B 19 23.05 -32.14 13.19
CA PRO B 19 21.93 -31.25 13.33
C PRO B 19 22.01 -30.26 14.53
N VAL B 20 21.37 -29.10 14.36
CA VAL B 20 21.43 -28.09 15.39
C VAL B 20 20.25 -27.20 15.28
N GLU B 21 19.79 -26.71 16.43
CA GLU B 21 18.67 -25.78 16.46
C GLU B 21 19.18 -24.35 16.41
N VAL B 22 18.61 -23.54 15.57
CA VAL B 22 19.07 -22.18 15.41
C VAL B 22 17.87 -21.26 15.36
N LEU B 23 18.08 -20.04 15.87
CA LEU B 23 17.09 -18.98 15.81
C LEU B 23 17.39 -18.28 14.51
N LEU B 24 16.41 -18.01 13.65
CA LEU B 24 16.64 -17.20 12.49
C LEU B 24 16.54 -15.75 13.00
N ASP B 25 17.61 -15.00 12.87
CA ASP B 25 17.66 -13.68 13.48
C ASP B 25 18.05 -12.62 12.50
N THR B 26 17.16 -11.67 12.24
CA THR B 26 17.42 -10.57 11.34
C THR B 26 18.31 -9.51 12.00
N GLY B 27 18.38 -9.52 13.31
CA GLY B 27 19.12 -8.57 14.06
C GLY B 27 20.56 -8.97 14.28
N ALA B 28 21.00 -9.98 13.48
CA ALA B 28 22.31 -10.54 13.50
C ALA B 28 22.94 -10.50 12.16
N ASP B 29 24.15 -9.93 12.04
CA ASP B 29 24.97 -9.85 10.82
C ASP B 29 25.55 -11.21 10.43
N ASP B 30 26.01 -11.92 11.51
CA ASP B 30 26.67 -13.23 11.50
C ASP B 30 25.87 -14.38 12.11
N SER B 31 26.38 -15.59 11.89
CA SER B 31 25.75 -16.80 12.40
C SER B 31 26.66 -17.44 13.43
N ILE B 32 26.21 -17.52 14.69
CA ILE B 32 27.10 -18.10 15.69
C ILE B 32 26.48 -19.38 16.23
N VAL B 33 27.25 -20.49 16.30
CA VAL B 33 26.76 -21.79 16.82
C VAL B 33 27.67 -22.30 17.93
N ALA B 34 27.09 -22.81 19.03
CA ALA B 34 27.88 -23.33 20.11
C ALA B 34 27.88 -24.82 20.05
N GLY B 35 28.92 -25.46 20.55
CA GLY B 35 28.83 -26.90 20.60
C GLY B 35 29.29 -27.76 19.44
N ILE B 36 29.79 -27.16 18.37
CA ILE B 36 30.31 -28.08 17.38
C ILE B 36 31.75 -27.75 17.17
N GLU B 37 32.55 -28.69 16.78
CA GLU B 37 33.94 -28.41 16.57
C GLU B 37 34.18 -28.45 15.06
N LEU B 38 34.77 -27.39 14.50
CA LEU B 38 34.96 -27.43 13.08
C LEU B 38 36.45 -27.46 12.65
N GLY B 39 37.38 -27.53 13.59
CA GLY B 39 38.77 -27.66 13.25
C GLY B 39 39.67 -26.49 13.51
N ASN B 40 40.83 -26.66 12.94
CA ASN B 40 42.09 -25.93 12.95
C ASN B 40 42.06 -24.73 12.02
N ASN B 41 41.16 -24.74 11.05
CA ASN B 41 41.14 -23.68 10.03
C ASN B 41 40.21 -22.50 10.37
N TYR B 42 40.59 -21.71 11.35
CA TYR B 42 39.72 -20.65 11.77
C TYR B 42 40.50 -19.36 12.00
N SER B 43 39.78 -18.29 12.00
CA SER B 43 40.27 -16.96 12.29
C SER B 43 39.50 -16.53 13.50
N PRO B 44 40.21 -16.05 14.51
CA PRO B 44 39.52 -15.57 15.67
C PRO B 44 38.90 -14.20 15.35
N LYS B 45 37.66 -14.06 15.80
CA LYS B 45 36.91 -12.86 15.66
C LYS B 45 36.11 -12.68 16.93
N ILE B 46 35.81 -11.42 17.24
CA ILE B 46 35.02 -11.06 18.38
C ILE B 46 33.76 -10.41 17.85
N VAL B 47 32.67 -10.82 18.44
CA VAL B 47 31.32 -10.46 18.07
C VAL B 47 30.68 -9.70 19.25
N GLY B 48 29.64 -8.93 18.99
CA GLY B 48 28.99 -8.11 19.98
C GLY B 48 27.49 -8.19 19.90
N GLY B 49 26.90 -8.09 21.06
CA GLY B 49 25.46 -8.09 21.27
C GLY B 49 25.14 -7.38 22.58
N ILE B 50 23.90 -7.49 23.02
CA ILE B 50 23.53 -6.93 24.30
C ILE B 50 24.43 -7.61 25.31
N GLY B 51 24.80 -6.88 26.32
CA GLY B 51 25.57 -7.52 27.33
C GLY B 51 27.03 -7.57 26.98
N GLY B 52 27.45 -7.59 25.75
CA GLY B 52 28.89 -7.61 25.63
C GLY B 52 29.46 -8.21 24.38
N PHE B 53 30.78 -8.46 24.43
CA PHE B 53 31.48 -9.04 23.31
C PHE B 53 31.86 -10.44 23.61
N ILE B 54 31.82 -11.29 22.62
CA ILE B 54 32.22 -12.64 22.84
C ILE B 54 33.18 -13.00 21.76
N ASN B 55 34.21 -13.74 22.13
CA ASN B 55 35.13 -14.18 21.11
C ASN B 55 34.59 -15.39 20.41
N THR B 56 34.89 -15.43 19.13
CA THR B 56 34.52 -16.51 18.26
C THR B 56 35.72 -16.97 17.44
N LYS B 57 35.46 -18.12 16.76
CA LYS B 57 36.29 -18.76 15.77
C LYS B 57 35.49 -18.75 14.45
N GLU B 58 36.02 -18.06 13.44
CA GLU B 58 35.38 -17.91 12.17
C GLU B 58 35.82 -18.98 11.20
N TYR B 59 34.81 -19.70 10.66
CA TYR B 59 34.94 -20.69 9.64
C TYR B 59 34.25 -20.23 8.37
N LYS B 60 34.94 -20.46 7.27
CA LYS B 60 34.41 -20.10 5.97
C LYS B 60 33.98 -21.34 5.18
N ASN B 61 33.06 -21.13 4.23
CA ASN B 61 32.59 -22.19 3.35
C ASN B 61 32.14 -23.44 4.10
N VAL B 62 31.31 -23.23 5.13
CA VAL B 62 30.82 -24.35 5.92
C VAL B 62 29.58 -24.87 5.24
N GLU B 63 29.42 -26.17 5.13
CA GLU B 63 28.28 -26.65 4.41
C GLU B 63 27.07 -26.69 5.32
N ILE B 64 25.94 -26.13 4.87
CA ILE B 64 24.71 -26.03 5.62
C ILE B 64 23.46 -26.50 4.85
N GLU B 65 22.58 -27.26 5.50
CA GLU B 65 21.29 -27.65 4.97
C GLU B 65 20.27 -27.25 6.01
N VAL B 66 19.33 -26.43 5.59
CA VAL B 66 18.30 -25.87 6.45
C VAL B 66 17.15 -25.50 5.58
N LEU B 67 15.98 -25.93 5.98
CA LEU B 67 14.77 -25.67 5.22
C LEU B 67 14.85 -26.22 3.78
N ASN B 68 15.39 -27.45 3.61
CA ASN B 68 15.52 -28.09 2.27
C ASN B 68 16.32 -27.25 1.24
N LYS B 69 17.28 -26.49 1.80
CA LYS B 69 18.20 -25.67 1.05
C LYS B 69 19.54 -26.11 1.53
N LYS B 70 20.47 -26.16 0.62
CA LYS B 70 21.81 -26.59 0.89
C LYS B 70 22.67 -25.42 0.55
N VAL B 71 23.41 -24.86 1.49
CA VAL B 71 24.15 -23.64 1.19
C VAL B 71 25.50 -23.79 1.79
N ARG B 72 26.44 -23.01 1.36
CA ARG B 72 27.80 -23.03 1.94
C ARG B 72 28.12 -21.66 2.54
N ALA B 73 28.56 -21.54 3.79
CA ALA B 73 28.71 -20.16 4.23
C ALA B 73 29.59 -20.02 5.41
N THR B 74 29.64 -18.79 5.91
CA THR B 74 30.41 -18.55 7.08
C THR B 74 29.70 -18.90 8.38
N ILE B 75 30.41 -19.58 9.28
CA ILE B 75 29.84 -19.95 10.55
C ILE B 75 30.90 -19.68 11.61
N MET B 76 30.50 -19.12 12.72
CA MET B 76 31.42 -18.85 13.80
C MET B 76 31.04 -19.78 14.89
N THR B 77 31.94 -20.04 15.75
CA THR B 77 31.61 -20.86 16.81
C THR B 77 32.07 -20.12 18.00
N GLY B 78 31.28 -20.26 19.04
CA GLY B 78 31.50 -19.55 20.27
C GLY B 78 30.52 -20.04 21.32
N ASP B 79 30.60 -19.38 22.45
CA ASP B 79 29.75 -19.68 23.56
C ASP B 79 28.61 -18.70 23.44
N THR B 80 27.67 -19.07 22.59
CA THR B 80 26.45 -18.33 22.39
C THR B 80 25.34 -19.05 23.18
N PRO B 81 24.57 -18.29 23.97
CA PRO B 81 23.51 -18.89 24.81
C PRO B 81 22.47 -19.64 24.00
N ILE B 82 22.40 -19.26 22.71
CA ILE B 82 21.59 -19.85 21.65
C ILE B 82 22.24 -19.71 20.27
N ASN B 83 22.02 -20.68 19.40
CA ASN B 83 22.61 -20.72 18.08
C ASN B 83 21.83 -19.82 17.19
N ILE B 84 22.54 -18.94 16.49
CA ILE B 84 21.97 -17.91 15.61
C ILE B 84 22.35 -18.12 14.17
N PHE B 85 21.37 -18.00 13.29
CA PHE B 85 21.57 -17.96 11.86
C PHE B 85 21.22 -16.51 11.51
N GLY B 86 22.24 -15.78 11.11
CA GLY B 86 22.05 -14.40 10.85
C GLY B 86 21.88 -14.19 9.39
N ARG B 87 21.94 -12.90 9.03
CA ARG B 87 21.72 -12.29 7.69
C ARG B 87 22.58 -12.88 6.61
N ASN B 88 23.79 -13.26 6.97
CA ASN B 88 24.61 -13.95 6.02
C ASN B 88 23.96 -15.22 5.58
N ILE B 89 23.21 -15.91 6.45
CA ILE B 89 22.56 -17.16 6.06
C ILE B 89 21.19 -16.95 5.42
N LEU B 90 20.39 -16.05 6.03
CA LEU B 90 19.04 -15.77 5.65
C LEU B 90 19.04 -15.17 4.30
N THR B 91 20.10 -14.46 3.98
CA THR B 91 20.25 -13.88 2.63
C THR B 91 20.45 -14.98 1.50
N ALA B 92 21.27 -15.95 1.85
CA ALA B 92 21.61 -17.10 1.06
C ALA B 92 20.42 -18.01 0.87
N LEU B 93 19.51 -18.05 1.81
CA LEU B 93 18.27 -18.81 1.68
C LEU B 93 17.16 -18.04 0.98
N GLY B 94 17.36 -16.74 0.79
CA GLY B 94 16.38 -15.90 0.13
C GLY B 94 15.14 -15.68 0.96
N MET B 95 15.41 -15.52 2.23
CA MET B 95 14.44 -15.23 3.24
C MET B 95 14.27 -13.71 3.40
N SER B 96 13.10 -13.33 3.87
CA SER B 96 12.85 -11.94 3.98
C SER B 96 11.78 -11.70 5.00
N LEU B 97 11.83 -10.51 5.54
CA LEU B 97 10.88 -9.97 6.49
C LEU B 97 9.92 -9.15 5.68
N ASN B 98 8.68 -9.48 5.71
CA ASN B 98 7.72 -8.75 4.89
C ASN B 98 6.69 -8.21 5.81
N LEU B 99 6.09 -7.10 5.41
CA LEU B 99 4.95 -6.62 6.15
C LEU B 99 3.84 -6.42 5.16
N PRO C 1 1.00 6.21 -19.36
CA PRO C 1 0.05 6.56 -20.37
C PRO C 1 -0.78 7.81 -20.04
N GLN C 2 -1.17 8.45 -21.12
CA GLN C 2 -1.95 9.63 -21.08
C GLN C 2 -3.11 9.54 -22.04
N PHE C 3 -4.17 10.23 -21.64
CA PHE C 3 -5.36 10.32 -22.40
C PHE C 3 -5.71 11.76 -22.53
N SER C 4 -5.44 12.33 -23.70
CA SER C 4 -5.83 13.68 -24.04
C SER C 4 -7.20 13.44 -24.45
N LEU C 5 -8.16 14.10 -23.90
CA LEU C 5 -9.56 13.75 -24.10
C LEU C 5 -10.27 13.91 -25.49
N TRP C 6 -9.55 13.96 -26.60
CA TRP C 6 -10.20 14.04 -27.90
C TRP C 6 -11.14 12.88 -28.21
N LYS C 7 -10.80 11.67 -27.75
CA LYS C 7 -11.70 10.58 -27.96
C LYS C 7 -12.13 10.17 -26.60
N ARG C 8 -13.16 9.31 -26.54
CA ARG C 8 -13.60 8.70 -25.29
C ARG C 8 -12.42 7.91 -24.72
N PRO C 9 -12.07 8.04 -23.44
CA PRO C 9 -10.92 7.28 -23.02
C PRO C 9 -11.33 5.87 -22.79
N VAL C 10 -11.24 5.05 -23.79
CA VAL C 10 -11.63 3.71 -23.56
C VAL C 10 -10.39 2.79 -23.57
N VAL C 11 -10.45 1.69 -22.83
CA VAL C 11 -9.39 0.68 -22.71
C VAL C 11 -10.04 -0.67 -22.62
N THR C 12 -9.21 -1.69 -22.76
CA THR C 12 -9.55 -3.08 -22.60
C THR C 12 -9.11 -3.45 -21.20
N ALA C 13 -10.05 -3.98 -20.42
CA ALA C 13 -9.75 -4.41 -19.05
C ALA C 13 -10.01 -5.88 -18.97
N TYR C 14 -9.38 -6.53 -18.04
CA TYR C 14 -9.67 -7.93 -17.94
C TYR C 14 -10.34 -8.22 -16.61
N ILE C 15 -11.62 -8.52 -16.61
CA ILE C 15 -12.33 -8.75 -15.37
C ILE C 15 -12.45 -10.21 -15.14
N GLU C 16 -11.64 -10.73 -14.23
CA GLU C 16 -11.62 -12.17 -13.99
C GLU C 16 -11.29 -12.90 -15.30
N GLY C 17 -10.21 -12.43 -15.95
CA GLY C 17 -9.74 -12.95 -17.24
C GLY C 17 -10.63 -12.82 -18.49
N GLN C 18 -11.83 -12.18 -18.37
CA GLN C 18 -12.77 -11.86 -19.47
C GLN C 18 -12.48 -10.44 -19.96
N PRO C 19 -12.05 -10.21 -21.19
CA PRO C 19 -11.81 -8.86 -21.67
C PRO C 19 -13.08 -8.11 -21.96
N VAL C 20 -13.09 -6.94 -21.38
CA VAL C 20 -14.17 -6.00 -21.44
C VAL C 20 -13.64 -4.67 -21.90
N GLU C 21 -14.46 -3.97 -22.64
CA GLU C 21 -14.11 -2.67 -23.11
C GLU C 21 -14.74 -1.68 -22.22
N VAL C 22 -13.93 -0.91 -21.48
CA VAL C 22 -14.44 0.06 -20.50
C VAL C 22 -14.11 1.53 -20.77
N LEU C 23 -15.03 2.41 -20.37
CA LEU C 23 -14.86 3.87 -20.42
C LEU C 23 -14.37 4.41 -19.06
N LEU C 24 -13.19 5.04 -19.06
CA LEU C 24 -12.54 5.60 -17.90
C LEU C 24 -13.27 6.91 -17.47
N ASP C 25 -13.86 6.92 -16.30
CA ASP C 25 -14.75 8.00 -16.00
C ASP C 25 -14.52 8.74 -14.69
N THR C 26 -14.01 9.98 -14.75
CA THR C 26 -13.83 10.66 -13.47
C THR C 26 -15.11 11.24 -12.90
N GLY C 27 -16.27 10.96 -13.54
CA GLY C 27 -17.55 11.47 -13.13
C GLY C 27 -18.48 10.40 -12.60
N ALA C 28 -17.89 9.24 -12.36
CA ALA C 28 -18.56 8.11 -11.84
C ALA C 28 -17.86 7.72 -10.58
N ASP C 29 -18.65 7.40 -9.58
CA ASP C 29 -18.21 7.03 -8.22
C ASP C 29 -17.83 5.55 -8.09
N ASP C 30 -18.55 4.73 -8.88
CA ASP C 30 -18.47 3.29 -8.95
C ASP C 30 -18.18 2.84 -10.34
N SER C 31 -18.03 1.51 -10.50
CA SER C 31 -17.77 0.94 -11.81
C SER C 31 -18.85 0.04 -12.31
N ILE C 32 -19.42 0.38 -13.44
CA ILE C 32 -20.48 -0.46 -13.91
C ILE C 32 -20.28 -1.06 -15.31
N VAL C 33 -20.45 -2.42 -15.36
CA VAL C 33 -20.22 -3.21 -16.55
C VAL C 33 -21.38 -4.10 -16.86
N ALA C 34 -21.66 -4.27 -18.16
CA ALA C 34 -22.74 -5.11 -18.60
C ALA C 34 -22.25 -6.32 -19.37
N GLY C 35 -23.20 -7.20 -19.64
CA GLY C 35 -22.90 -8.39 -20.40
C GLY C 35 -21.75 -9.19 -19.86
N ILE C 36 -21.71 -9.36 -18.54
CA ILE C 36 -20.69 -10.12 -17.84
C ILE C 36 -21.35 -10.87 -16.66
N GLU C 37 -20.88 -12.12 -16.44
CA GLU C 37 -21.44 -12.97 -15.43
C GLU C 37 -20.45 -13.29 -14.35
N LEU C 38 -20.64 -12.63 -13.20
CA LEU C 38 -19.70 -12.78 -12.12
C LEU C 38 -20.11 -13.65 -10.92
N GLY C 39 -21.37 -14.13 -10.76
CA GLY C 39 -21.72 -14.95 -9.56
C GLY C 39 -23.02 -14.63 -8.74
N ASN C 40 -23.43 -15.54 -7.84
CA ASN C 40 -24.68 -15.32 -7.09
C ASN C 40 -24.41 -14.51 -5.84
N ASN C 41 -23.15 -14.29 -5.63
CA ASN C 41 -22.79 -13.55 -4.47
C ASN C 41 -22.60 -12.07 -4.77
N TYR C 42 -23.71 -11.38 -4.71
CA TYR C 42 -23.78 -9.97 -4.92
C TYR C 42 -24.77 -9.30 -3.94
N SER C 43 -24.79 -7.99 -3.93
CA SER C 43 -25.72 -7.25 -3.13
C SER C 43 -26.39 -6.31 -4.09
N PRO C 44 -27.68 -6.31 -4.08
CA PRO C 44 -28.36 -5.43 -4.91
C PRO C 44 -28.01 -4.03 -4.50
N LYS C 45 -27.73 -3.19 -5.50
CA LYS C 45 -27.45 -1.82 -5.19
C LYS C 45 -28.32 -0.85 -6.00
N ILE C 46 -28.48 0.36 -5.53
CA ILE C 46 -29.21 1.30 -6.35
C ILE C 46 -28.20 2.34 -6.75
N VAL C 47 -28.35 2.97 -7.90
CA VAL C 47 -27.31 3.92 -8.31
C VAL C 47 -27.88 4.92 -9.29
N GLY C 48 -27.46 6.18 -9.25
CA GLY C 48 -28.07 7.17 -10.16
C GLY C 48 -27.19 7.81 -11.23
N GLY C 49 -27.82 8.29 -12.28
CA GLY C 49 -27.04 8.98 -13.29
C GLY C 49 -27.81 10.17 -13.81
N ILE C 50 -27.57 10.51 -15.06
CA ILE C 50 -28.24 11.62 -15.67
C ILE C 50 -29.73 11.45 -15.79
N GLY C 51 -30.15 10.25 -16.17
CA GLY C 51 -31.56 10.09 -16.40
C GLY C 51 -32.34 9.43 -15.31
N GLY C 52 -31.78 9.34 -14.09
CA GLY C 52 -32.48 8.65 -13.00
C GLY C 52 -31.71 7.43 -12.47
N PHE C 53 -32.41 6.53 -11.78
CA PHE C 53 -31.82 5.41 -11.10
C PHE C 53 -31.82 4.10 -11.82
N ILE C 54 -30.74 3.31 -11.61
CA ILE C 54 -30.68 1.99 -12.18
C ILE C 54 -30.47 1.02 -11.05
N ASN C 55 -30.76 -0.25 -11.26
CA ASN C 55 -30.51 -1.24 -10.20
C ASN C 55 -29.28 -2.05 -10.58
N THR C 56 -28.38 -2.27 -9.65
CA THR C 56 -27.21 -3.02 -10.03
C THR C 56 -27.00 -4.21 -9.12
N LYS C 57 -25.93 -4.95 -9.39
CA LYS C 57 -25.55 -6.08 -8.58
C LYS C 57 -24.14 -5.87 -8.15
N GLU C 58 -23.90 -5.81 -6.87
CA GLU C 58 -22.55 -5.49 -6.51
C GLU C 58 -21.60 -6.59 -6.19
N TYR C 59 -20.48 -6.60 -6.87
CA TYR C 59 -19.48 -7.58 -6.61
C TYR C 59 -18.34 -7.01 -5.83
N LYS C 60 -18.04 -7.64 -4.73
CA LYS C 60 -16.93 -7.13 -3.99
C LYS C 60 -15.68 -7.93 -4.40
N ASN C 61 -14.52 -7.38 -4.26
CA ASN C 61 -13.28 -8.09 -4.53
C ASN C 61 -12.93 -8.63 -5.92
N VAL C 62 -13.46 -8.05 -6.95
CA VAL C 62 -13.13 -8.48 -8.31
C VAL C 62 -11.66 -8.32 -8.73
N GLU C 63 -11.13 -9.31 -9.46
CA GLU C 63 -9.78 -9.28 -9.96
C GLU C 63 -9.80 -8.71 -11.35
N ILE C 64 -8.98 -7.64 -11.52
CA ILE C 64 -8.91 -6.85 -12.72
C ILE C 64 -7.50 -6.58 -13.19
N GLU C 65 -7.34 -6.76 -14.50
CA GLU C 65 -6.13 -6.42 -15.16
C GLU C 65 -6.41 -5.40 -16.23
N VAL C 66 -6.03 -4.18 -15.87
CA VAL C 66 -6.22 -3.04 -16.72
C VAL C 66 -4.97 -2.18 -16.82
N LEU C 67 -4.45 -1.99 -18.05
CA LEU C 67 -3.31 -1.11 -18.22
C LEU C 67 -2.10 -1.56 -17.43
N ASN C 68 -1.51 -2.74 -17.73
CA ASN C 68 -0.32 -3.22 -17.02
C ASN C 68 -0.57 -3.36 -15.55
N LYS C 69 -1.82 -3.24 -15.06
CA LYS C 69 -1.98 -3.33 -13.58
C LYS C 69 -2.95 -4.34 -13.16
N LYS C 70 -2.64 -5.09 -12.09
CA LYS C 70 -3.60 -6.04 -11.59
C LYS C 70 -4.04 -5.45 -10.30
N VAL C 71 -5.35 -5.27 -10.11
CA VAL C 71 -5.95 -4.77 -8.89
C VAL C 71 -7.28 -5.48 -8.60
N ARG C 72 -7.71 -5.50 -7.34
CA ARG C 72 -8.99 -6.07 -7.02
C ARG C 72 -9.86 -4.87 -6.82
N ALA C 73 -11.19 -5.03 -6.90
CA ALA C 73 -12.12 -3.91 -6.70
C ALA C 73 -13.55 -4.35 -6.88
N THR C 74 -14.47 -3.51 -6.39
CA THR C 74 -15.92 -3.70 -6.45
C THR C 74 -16.44 -3.35 -7.83
N ILE C 75 -17.20 -4.29 -8.36
CA ILE C 75 -17.80 -4.15 -9.63
C ILE C 75 -19.26 -4.44 -9.63
N MET C 76 -19.95 -3.58 -10.30
CA MET C 76 -21.37 -3.64 -10.37
C MET C 76 -21.78 -3.97 -11.76
N THR C 77 -22.89 -4.68 -11.80
CA THR C 77 -23.44 -5.12 -13.04
C THR C 77 -24.85 -4.57 -13.22
N GLY C 78 -25.13 -4.05 -14.39
CA GLY C 78 -26.41 -3.47 -14.66
C GLY C 78 -26.47 -3.02 -16.10
N ASP C 79 -27.67 -2.54 -16.46
CA ASP C 79 -27.97 -2.05 -17.79
C ASP C 79 -27.30 -0.70 -17.99
N THR C 80 -26.15 -0.71 -18.69
CA THR C 80 -25.38 0.46 -19.03
C THR C 80 -24.95 0.25 -20.47
N PRO C 81 -25.07 1.24 -21.31
CA PRO C 81 -24.75 1.02 -22.70
C PRO C 81 -23.26 0.96 -22.98
N ILE C 82 -22.54 1.64 -22.11
CA ILE C 82 -21.09 1.71 -22.12
C ILE C 82 -20.62 1.36 -20.74
N ASN C 83 -19.65 0.50 -20.63
CA ASN C 83 -19.15 0.09 -19.34
C ASN C 83 -18.31 1.20 -18.79
N ILE C 84 -18.40 1.42 -17.48
CA ILE C 84 -17.60 2.53 -16.97
C ILE C 84 -16.69 2.14 -15.82
N PHE C 85 -15.46 2.58 -15.88
CA PHE C 85 -14.52 2.39 -14.83
C PHE C 85 -14.35 3.73 -14.12
N GLY C 86 -14.98 3.79 -12.91
CA GLY C 86 -15.11 4.94 -12.05
C GLY C 86 -13.93 5.23 -11.17
N ARG C 87 -14.12 6.18 -10.34
CA ARG C 87 -13.07 6.66 -9.49
C ARG C 87 -12.54 5.62 -8.54
N ASN C 88 -13.44 4.72 -8.14
CA ASN C 88 -13.10 3.63 -7.26
C ASN C 88 -11.95 2.81 -7.82
N ILE C 89 -11.83 2.73 -9.13
CA ILE C 89 -10.79 1.93 -9.75
C ILE C 89 -9.58 2.77 -10.13
N LEU C 90 -9.92 3.96 -10.63
CA LEU C 90 -9.01 4.96 -11.10
C LEU C 90 -8.00 5.29 -10.03
N THR C 91 -8.47 5.37 -8.79
CA THR C 91 -7.62 5.59 -7.62
C THR C 91 -6.77 4.38 -7.33
N ALA C 92 -7.41 3.21 -7.41
CA ALA C 92 -6.70 1.95 -7.30
C ALA C 92 -5.50 1.99 -8.22
N LEU C 93 -5.69 2.45 -9.46
CA LEU C 93 -4.58 2.54 -10.38
C LEU C 93 -3.67 3.78 -10.19
N GLY C 94 -4.03 4.69 -9.34
CA GLY C 94 -3.22 5.85 -9.26
C GLY C 94 -3.35 6.71 -10.49
N MET C 95 -4.54 6.90 -11.05
CA MET C 95 -4.61 7.78 -12.21
C MET C 95 -4.93 9.20 -11.69
N SER C 96 -4.74 10.23 -12.49
CA SER C 96 -5.15 11.57 -12.09
C SER C 96 -5.45 12.43 -13.32
N LEU C 97 -6.38 13.37 -13.17
CA LEU C 97 -6.74 14.31 -14.19
C LEU C 97 -5.80 15.47 -13.99
N ASN C 98 -5.21 15.96 -15.05
CA ASN C 98 -4.23 16.98 -14.90
C ASN C 98 -4.51 18.00 -15.93
N LEU C 99 -4.12 19.21 -15.57
CA LEU C 99 -4.09 20.35 -16.38
C LEU C 99 -2.78 21.04 -16.08
N PRO D 1 -2.91 22.10 -12.62
CA PRO D 1 -3.43 21.41 -11.47
C PRO D 1 -3.61 19.91 -11.68
N GLN D 2 -3.58 19.13 -10.59
CA GLN D 2 -3.70 17.70 -10.57
C GLN D 2 -4.84 17.28 -9.69
N PHE D 3 -5.69 16.39 -10.19
CA PHE D 3 -6.83 15.96 -9.44
C PHE D 3 -6.64 14.52 -9.21
N SER D 4 -6.42 14.23 -7.98
CA SER D 4 -6.24 12.88 -7.62
C SER D 4 -7.66 12.47 -7.56
N LEU D 5 -8.01 11.24 -7.65
CA LEU D 5 -9.45 11.19 -7.76
C LEU D 5 -10.18 10.63 -6.55
N TRP D 6 -9.63 10.93 -5.36
CA TRP D 6 -10.19 10.53 -4.08
C TRP D 6 -11.39 11.33 -3.68
N LYS D 7 -11.43 12.57 -4.12
CA LYS D 7 -12.58 13.40 -3.91
C LYS D 7 -13.17 13.64 -5.29
N ARG D 8 -14.47 13.85 -5.41
CA ARG D 8 -14.98 14.17 -6.73
C ARG D 8 -14.17 15.36 -7.30
N PRO D 9 -13.91 15.38 -8.59
CA PRO D 9 -13.14 16.51 -9.13
C PRO D 9 -14.08 17.65 -9.56
N VAL D 10 -14.45 18.51 -8.60
CA VAL D 10 -15.38 19.60 -8.75
C VAL D 10 -14.67 20.92 -8.67
N VAL D 11 -14.96 21.81 -9.65
CA VAL D 11 -14.36 23.14 -9.77
C VAL D 11 -15.46 24.20 -9.90
N THR D 12 -15.09 25.47 -9.69
CA THR D 12 -15.95 26.62 -9.86
C THR D 12 -15.63 27.27 -11.20
N ALA D 13 -16.64 27.37 -12.03
CA ALA D 13 -16.54 27.98 -13.34
C ALA D 13 -17.52 29.14 -13.37
N TYR D 14 -17.28 30.12 -14.26
CA TYR D 14 -18.18 31.23 -14.48
C TYR D 14 -18.74 31.07 -15.87
N ILE D 15 -20.03 30.77 -16.04
CA ILE D 15 -20.63 30.64 -17.39
C ILE D 15 -21.22 32.01 -17.77
N GLU D 16 -20.60 32.74 -18.72
CA GLU D 16 -21.14 34.03 -19.04
C GLU D 16 -21.29 34.92 -17.77
N GLY D 17 -20.47 34.73 -16.75
CA GLY D 17 -20.58 35.57 -15.54
C GLY D 17 -21.32 34.97 -14.35
N GLN D 18 -22.02 33.86 -14.62
CA GLN D 18 -22.80 33.08 -13.68
C GLN D 18 -21.99 31.96 -13.12
N PRO D 19 -21.67 32.01 -11.80
CA PRO D 19 -20.80 31.01 -11.18
C PRO D 19 -21.43 29.66 -11.03
N VAL D 20 -20.78 28.56 -11.38
CA VAL D 20 -21.38 27.28 -11.09
C VAL D 20 -20.37 26.33 -10.48
N GLU D 21 -20.84 25.26 -9.85
CA GLU D 21 -19.95 24.24 -9.30
C GLU D 21 -20.00 23.12 -10.32
N VAL D 22 -18.91 22.68 -10.94
CA VAL D 22 -18.99 21.65 -11.96
C VAL D 22 -18.04 20.50 -11.71
N LEU D 23 -18.43 19.31 -12.05
CA LEU D 23 -17.59 18.14 -11.85
C LEU D 23 -16.98 17.79 -13.17
N LEU D 24 -15.66 17.54 -13.19
CA LEU D 24 -14.95 17.22 -14.41
C LEU D 24 -15.19 15.74 -14.80
N ASP D 25 -15.93 15.46 -15.87
CA ASP D 25 -16.26 14.09 -16.15
C ASP D 25 -15.77 13.60 -17.52
N THR D 26 -14.82 12.61 -17.52
CA THR D 26 -14.15 12.01 -18.70
C THR D 26 -15.00 11.05 -19.46
N GLY D 27 -16.11 10.65 -18.80
CA GLY D 27 -17.18 9.79 -19.25
C GLY D 27 -18.32 10.51 -19.88
N ALA D 28 -18.24 11.85 -19.95
CA ALA D 28 -19.27 12.70 -20.60
C ALA D 28 -18.79 13.27 -21.92
N ASP D 29 -19.49 12.98 -22.94
CA ASP D 29 -19.08 13.51 -24.20
C ASP D 29 -19.35 14.99 -24.31
N ASP D 30 -20.52 15.47 -23.73
CA ASP D 30 -21.04 16.81 -23.80
C ASP D 30 -21.05 17.35 -22.44
N SER D 31 -21.37 18.63 -22.33
CA SER D 31 -21.42 19.35 -21.08
C SER D 31 -22.84 19.81 -20.88
N ILE D 32 -23.37 19.59 -19.69
CA ILE D 32 -24.71 19.96 -19.28
C ILE D 32 -24.70 20.60 -17.88
N VAL D 33 -25.27 21.80 -17.76
CA VAL D 33 -25.34 22.54 -16.52
C VAL D 33 -26.74 22.98 -16.22
N ALA D 34 -27.07 22.99 -14.95
CA ALA D 34 -28.38 23.42 -14.55
C ALA D 34 -28.36 24.73 -13.79
N GLY D 35 -29.49 25.38 -13.71
CA GLY D 35 -29.57 26.57 -12.90
C GLY D 35 -28.87 27.78 -13.47
N ILE D 36 -28.64 27.75 -14.78
CA ILE D 36 -28.09 28.92 -15.43
C ILE D 36 -29.01 29.32 -16.54
N GLU D 37 -29.17 30.61 -16.77
CA GLU D 37 -29.99 31.02 -17.85
C GLU D 37 -29.17 31.53 -18.98
N LEU D 38 -29.16 30.80 -20.05
CA LEU D 38 -28.35 31.15 -21.18
C LEU D 38 -29.11 31.82 -22.29
N GLY D 39 -30.45 31.94 -22.18
CA GLY D 39 -31.21 32.60 -23.26
C GLY D 39 -32.16 31.82 -24.17
N ASN D 40 -32.51 32.49 -25.25
CA ASN D 40 -33.49 31.99 -26.22
C ASN D 40 -32.93 31.18 -27.42
N ASN D 41 -31.65 31.47 -27.70
CA ASN D 41 -30.83 30.97 -28.79
C ASN D 41 -30.29 29.55 -28.59
N TYR D 42 -31.18 28.59 -28.41
CA TYR D 42 -30.71 27.24 -28.27
C TYR D 42 -31.47 26.36 -29.24
N SER D 43 -30.98 25.18 -29.43
CA SER D 43 -31.60 24.11 -30.16
C SER D 43 -31.77 22.94 -29.17
N PRO D 44 -32.88 22.25 -29.30
CA PRO D 44 -33.20 21.13 -28.46
C PRO D 44 -32.38 19.91 -28.80
N LYS D 45 -32.04 19.16 -27.75
CA LYS D 45 -31.27 17.93 -27.82
C LYS D 45 -31.79 16.93 -26.78
N ILE D 46 -31.30 15.72 -26.90
CA ILE D 46 -31.49 14.71 -25.92
C ILE D 46 -30.11 14.11 -25.60
N VAL D 47 -29.92 13.88 -24.32
CA VAL D 47 -28.73 13.32 -23.83
C VAL D 47 -29.15 12.00 -23.17
N GLY D 48 -28.27 10.99 -23.32
CA GLY D 48 -28.43 9.68 -22.70
C GLY D 48 -27.34 9.56 -21.67
N GLY D 49 -27.62 8.98 -20.52
CA GLY D 49 -26.67 8.74 -19.45
C GLY D 49 -27.18 7.50 -18.76
N ILE D 50 -26.82 7.31 -17.48
CA ILE D 50 -27.32 6.21 -16.65
C ILE D 50 -28.78 6.54 -16.28
N GLY D 51 -29.65 5.56 -16.14
CA GLY D 51 -31.00 5.95 -15.83
C GLY D 51 -31.83 6.29 -17.09
N GLY D 52 -31.33 6.98 -18.12
CA GLY D 52 -32.24 7.21 -19.27
C GLY D 52 -31.94 8.42 -20.11
N PHE D 53 -32.88 8.91 -20.89
CA PHE D 53 -32.59 10.09 -21.70
C PHE D 53 -33.32 11.31 -21.20
N ILE D 54 -32.69 12.49 -21.37
CA ILE D 54 -33.33 13.71 -20.95
C ILE D 54 -33.25 14.73 -22.06
N ASN D 55 -34.09 15.76 -21.96
CA ASN D 55 -34.07 16.92 -22.84
C ASN D 55 -33.17 17.98 -22.26
N THR D 56 -32.31 18.57 -23.13
CA THR D 56 -31.41 19.65 -22.76
C THR D 56 -31.59 20.82 -23.73
N LYS D 57 -31.01 21.95 -23.39
CA LYS D 57 -31.03 23.06 -24.33
C LYS D 57 -29.61 23.22 -24.75
N GLU D 58 -29.34 23.27 -26.08
CA GLU D 58 -28.00 23.43 -26.54
C GLU D 58 -27.62 24.82 -26.95
N TYR D 59 -26.59 25.39 -26.33
CA TYR D 59 -26.01 26.73 -26.61
C TYR D 59 -24.62 26.57 -27.15
N LYS D 60 -24.34 27.39 -28.18
CA LYS D 60 -23.09 27.38 -28.92
C LYS D 60 -22.29 28.59 -28.62
N ASN D 61 -20.97 28.44 -28.50
CA ASN D 61 -20.04 29.58 -28.27
C ASN D 61 -20.19 30.36 -26.96
N VAL D 62 -20.33 29.61 -25.86
CA VAL D 62 -20.49 30.21 -24.56
C VAL D 62 -19.14 30.52 -23.92
N GLU D 63 -19.03 31.72 -23.26
CA GLU D 63 -17.82 32.07 -22.60
C GLU D 63 -17.90 31.42 -21.26
N ILE D 64 -16.82 30.70 -20.92
CA ILE D 64 -16.62 29.95 -19.70
C ILE D 64 -15.32 30.33 -19.09
N GLU D 65 -15.28 30.37 -17.80
CA GLU D 65 -14.09 30.74 -17.12
C GLU D 65 -13.94 29.82 -15.91
N VAL D 66 -12.91 28.94 -16.05
CA VAL D 66 -12.48 27.86 -15.17
C VAL D 66 -10.96 27.71 -15.12
N LEU D 67 -10.47 27.15 -14.00
CA LEU D 67 -9.06 26.75 -13.86
C LEU D 67 -8.07 27.79 -14.43
N ASN D 68 -8.50 29.01 -14.33
CA ASN D 68 -7.69 30.07 -14.75
C ASN D 68 -7.50 30.20 -16.22
N LYS D 69 -8.42 29.60 -17.00
CA LYS D 69 -8.42 29.64 -18.44
C LYS D 69 -9.67 30.33 -18.96
N LYS D 70 -9.70 31.00 -20.10
CA LYS D 70 -10.99 31.55 -20.53
C LYS D 70 -11.31 30.88 -21.84
N VAL D 71 -12.45 30.18 -21.99
CA VAL D 71 -12.73 29.40 -23.23
C VAL D 71 -14.11 29.64 -23.78
N ARG D 72 -14.38 29.26 -25.02
CA ARG D 72 -15.71 29.34 -25.58
C ARG D 72 -16.16 27.95 -25.95
N ALA D 73 -17.14 27.37 -25.26
CA ALA D 73 -17.55 26.01 -25.63
C ALA D 73 -19.02 25.99 -25.91
N THR D 74 -19.50 24.77 -26.21
CA THR D 74 -20.90 24.44 -26.37
C THR D 74 -21.35 23.87 -25.03
N ILE D 75 -22.43 24.42 -24.53
CA ILE D 75 -22.95 24.07 -23.21
C ILE D 75 -24.43 23.83 -23.33
N MET D 76 -24.87 22.76 -22.77
CA MET D 76 -26.27 22.55 -22.75
C MET D 76 -26.78 22.87 -21.41
N THR D 77 -28.09 23.00 -21.29
CA THR D 77 -28.65 23.21 -20.01
C THR D 77 -29.72 22.18 -19.81
N GLY D 78 -29.86 21.61 -18.62
CA GLY D 78 -30.86 20.64 -18.40
C GLY D 78 -30.93 20.44 -16.93
N ASP D 79 -31.95 19.71 -16.52
CA ASP D 79 -32.25 19.28 -15.15
C ASP D 79 -31.34 18.10 -14.83
N THR D 80 -30.08 18.35 -14.47
CA THR D 80 -29.11 17.28 -14.21
C THR D 80 -28.81 17.33 -12.73
N PRO D 81 -28.65 16.18 -11.99
CA PRO D 81 -28.37 16.20 -10.53
C PRO D 81 -27.10 16.96 -10.10
N ILE D 82 -26.10 16.86 -11.00
CA ILE D 82 -24.75 17.41 -10.93
C ILE D 82 -24.36 17.97 -12.30
N ASN D 83 -23.74 19.14 -12.24
CA ASN D 83 -23.25 19.92 -13.33
C ASN D 83 -21.99 19.29 -13.82
N ILE D 84 -21.99 19.04 -15.11
CA ILE D 84 -20.98 18.31 -15.83
C ILE D 84 -20.27 19.13 -16.88
N PHE D 85 -18.94 19.06 -16.88
CA PHE D 85 -18.01 19.55 -17.90
C PHE D 85 -17.39 18.32 -18.55
N GLY D 86 -17.82 17.95 -19.72
CA GLY D 86 -17.37 16.73 -20.34
C GLY D 86 -16.27 16.98 -21.33
N ARG D 87 -15.95 15.95 -22.09
CA ARG D 87 -14.82 16.05 -22.99
C ARG D 87 -14.72 17.33 -23.81
N ASN D 88 -15.75 17.72 -24.52
CA ASN D 88 -15.74 18.98 -25.22
C ASN D 88 -15.03 20.12 -24.49
N ILE D 89 -15.22 20.23 -23.18
CA ILE D 89 -14.60 21.37 -22.51
C ILE D 89 -13.24 21.04 -21.95
N LEU D 90 -13.06 19.82 -21.46
CA LEU D 90 -11.78 19.39 -20.89
C LEU D 90 -10.61 19.53 -21.88
N THR D 91 -10.96 19.28 -23.13
CA THR D 91 -10.13 19.27 -24.34
C THR D 91 -9.74 20.69 -24.72
N ALA D 92 -10.67 21.66 -24.56
CA ALA D 92 -10.42 23.10 -24.67
C ALA D 92 -9.51 23.55 -23.54
N LEU D 93 -9.62 22.90 -22.37
CA LEU D 93 -8.74 23.20 -21.23
C LEU D 93 -7.34 22.65 -21.39
N GLY D 94 -7.23 21.49 -22.01
CA GLY D 94 -5.91 20.93 -22.26
C GLY D 94 -5.62 19.92 -21.18
N MET D 95 -6.74 19.36 -20.69
CA MET D 95 -6.73 18.33 -19.70
C MET D 95 -6.53 16.94 -20.33
N SER D 96 -5.72 16.09 -19.65
CA SER D 96 -5.42 14.70 -20.01
C SER D 96 -5.61 13.85 -18.78
N LEU D 97 -5.97 12.57 -18.94
CA LEU D 97 -6.07 11.64 -17.85
C LEU D 97 -4.75 10.93 -17.97
N ASN D 98 -3.97 10.89 -16.90
CA ASN D 98 -2.63 10.35 -16.94
C ASN D 98 -2.48 9.15 -16.10
N LEU D 99 -1.47 8.38 -16.45
CA LEU D 99 -1.09 7.20 -15.71
C LEU D 99 0.40 7.11 -15.72
N PHE E 1 27.98 -7.52 15.48
CA PHE E 1 26.73 -7.23 16.21
C PHE E 1 25.65 -8.25 15.94
N VAL E 2 25.15 -8.80 17.04
CA VAL E 2 24.11 -9.80 16.99
C VAL E 2 23.17 -9.65 18.16
N PHE E 3 21.95 -9.33 17.83
CA PHE E 3 20.95 -9.15 18.87
C PHE E 3 19.85 -10.21 18.89
N LEU E 4 20.52 -11.41 19.54
CA LEU E 4 19.72 -12.01 20.56
C LEU E 4 19.38 -11.06 21.72
N GLU E 5 18.24 -11.31 22.30
CA GLU E 5 17.81 -10.50 23.37
C GLU E 5 16.57 -11.16 23.98
N ILE E 6 16.90 -12.08 24.90
CA ILE E 6 16.01 -12.96 25.58
C ILE E 6 15.24 -12.27 26.71
N PHE F 1 -23.99 7.84 -7.71
CA PHE F 1 -23.82 8.94 -8.65
C PHE F 1 -22.92 8.69 -9.83
N VAL F 2 -23.47 8.23 -10.94
CA VAL F 2 -22.63 7.97 -12.08
C VAL F 2 -22.94 8.83 -13.30
N PHE F 3 -21.95 9.55 -13.81
CA PHE F 3 -22.16 10.36 -15.01
C PHE F 3 -21.09 10.15 -16.07
N LEU F 4 -21.43 8.79 -16.62
CA LEU F 4 -21.49 8.83 -18.03
C LEU F 4 -22.61 9.77 -18.51
N GLU F 5 -22.30 10.58 -19.52
CA GLU F 5 -23.28 11.40 -20.17
C GLU F 5 -23.02 11.27 -21.69
N ILE F 6 -23.53 10.19 -22.24
CA ILE F 6 -23.28 9.92 -23.61
C ILE F 6 -23.42 11.07 -24.59
N PHE G 1 14.77 -12.27 25.85
CA PHE G 1 16.13 -12.43 25.38
C PHE G 1 16.34 -11.70 24.07
N VAL G 2 17.35 -10.85 24.03
CA VAL G 2 17.61 -10.09 22.84
C VAL G 2 18.89 -10.51 22.17
N PHE G 3 18.71 -11.26 21.07
CA PHE G 3 19.84 -11.80 20.34
C PHE G 3 20.01 -11.13 19.00
N LEU G 4 20.26 -9.67 19.37
CA LEU G 4 21.10 -9.00 18.39
C LEU G 4 22.52 -9.47 18.41
N GLU G 5 23.20 -9.17 17.32
CA GLU G 5 24.58 -9.54 17.15
C GLU G 5 25.16 -8.58 16.15
N ILE G 6 26.25 -7.93 16.54
CA ILE G 6 26.88 -6.96 15.67
C ILE G 6 28.26 -7.41 15.25
N PHE H 1 -23.04 10.40 -24.88
CA PHE H 1 -23.62 10.14 -23.58
C PHE H 1 -22.86 10.90 -22.53
N VAL H 2 -23.43 10.98 -21.29
CA VAL H 2 -22.83 11.63 -20.10
C VAL H 2 -22.99 10.73 -18.92
N PHE H 3 -21.85 10.21 -18.41
CA PHE H 3 -21.73 9.20 -17.35
C PHE H 3 -20.98 9.74 -16.19
N LEU H 4 -21.83 10.94 -15.82
CA LEU H 4 -22.27 10.94 -14.45
C LEU H 4 -22.89 9.65 -13.94
N GLU H 5 -22.45 9.26 -12.77
CA GLU H 5 -22.96 8.16 -11.99
C GLU H 5 -22.64 8.51 -10.55
N ILE H 6 -23.66 8.54 -9.70
CA ILE H 6 -23.52 8.83 -8.28
C ILE H 6 -23.73 7.58 -7.42
#